data_8UF3
#
_entry.id   8UF3
#
_cell.length_a   168.047
_cell.length_b   168.047
_cell.length_c   168.047
_cell.angle_alpha   90.000
_cell.angle_beta   90.000
_cell.angle_gamma   90.000
#
_symmetry.space_group_name_H-M   'I 2 3'
#
loop_
_entity.id
_entity.type
_entity.pdbx_description
1 polymer 'Cytochrome C4'
2 non-polymer 'HEME C'
3 non-polymer 'SULFATE ION'
4 water water
#
_entity_poly.entity_id   1
_entity_poly.type   'polypeptide(L)'
_entity_poly.pdbx_seq_one_letter_code
;MGSPKADVEKGKQVAATVCAACHAADGNSGIAMYPRLAAQHTAYIYHQTIGIRDGKRTHGSAAVMKPVVMNLSDQDILNV
SAFYAKQQPKSGEANPKENPELGAKIYRGGLSDKKVPACMSCHGPSGAGMPGGGSEIQAYPRLGGQHQAYIVEQMNAYKS
GQRKNTIMEDIANRMSEEDLKAVANFIQGLR
;
_entity_poly.pdbx_strand_id   A,B
#
loop_
_chem_comp.id
_chem_comp.type
_chem_comp.name
_chem_comp.formula
HEC non-polymer 'HEME C' 'C34 H34 Fe N4 O4'
SO4 non-polymer 'SULFATE ION' 'O4 S -2'
#
# COMPACT_ATOMS: atom_id res chain seq x y z
N LYS A 5 9.53 1.97 15.09
CA LYS A 5 9.60 3.42 14.90
C LYS A 5 8.22 4.07 15.04
N ALA A 6 7.16 3.39 14.57
CA ALA A 6 5.81 3.90 14.73
C ALA A 6 5.46 3.98 16.22
N ASP A 7 4.71 5.02 16.60
CA ASP A 7 4.47 5.36 18.00
C ASP A 7 3.06 4.94 18.39
N VAL A 8 2.96 3.80 19.09
CA VAL A 8 1.63 3.26 19.39
C VAL A 8 0.90 4.14 20.38
N GLU A 9 1.63 4.77 21.31
CA GLU A 9 1.00 5.69 22.26
C GLU A 9 0.33 6.85 21.52
N LYS A 10 1.06 7.48 20.59
CA LYS A 10 0.46 8.51 19.76
C LYS A 10 -0.68 7.94 18.93
N GLY A 11 -0.48 6.76 18.33
CA GLY A 11 -1.56 6.09 17.66
C GLY A 11 -2.80 5.94 18.52
N LYS A 12 -2.60 5.73 19.82
CA LYS A 12 -3.72 5.60 20.74
C LYS A 12 -4.54 6.89 20.81
N GLN A 13 -3.86 8.03 20.99
CA GLN A 13 -4.56 9.31 21.09
C GLN A 13 -5.30 9.64 19.81
N VAL A 14 -4.66 9.36 18.67
CA VAL A 14 -5.30 9.58 17.37
C VAL A 14 -6.59 8.78 17.28
N ALA A 15 -6.51 7.49 17.62
CA ALA A 15 -7.73 6.68 17.59
C ALA A 15 -8.76 7.23 18.56
N ALA A 16 -8.31 7.68 19.72
CA ALA A 16 -9.25 8.19 20.73
C ALA A 16 -9.89 9.50 20.28
N THR A 17 -9.11 10.41 19.72
CA THR A 17 -9.66 11.73 19.42
C THR A 17 -10.20 11.87 18.00
N VAL A 18 -9.78 11.03 17.06
CA VAL A 18 -10.23 11.13 15.69
C VAL A 18 -11.12 9.96 15.28
N CYS A 19 -10.63 8.73 15.45
CA CYS A 19 -11.32 7.59 14.87
C CYS A 19 -12.44 7.04 15.74
N ALA A 20 -12.28 7.06 17.07
CA ALA A 20 -13.17 6.34 17.99
C ALA A 20 -14.65 6.59 17.72
N ALA A 21 -14.99 7.81 17.31
CA ALA A 21 -16.39 8.23 17.14
C ALA A 21 -17.13 7.32 16.18
N CYS A 22 -16.42 6.72 15.24
CA CYS A 22 -17.01 5.83 14.26
C CYS A 22 -16.54 4.40 14.43
N HIS A 23 -15.25 4.17 14.62
CA HIS A 23 -14.67 2.82 14.65
C HIS A 23 -14.47 2.26 16.05
N ALA A 24 -14.71 3.07 17.10
CA ALA A 24 -14.44 2.78 18.52
C ALA A 24 -12.96 2.99 18.86
N ALA A 25 -12.66 3.22 20.13
CA ALA A 25 -11.28 3.50 20.51
C ALA A 25 -10.38 2.27 20.42
N ASP A 26 -10.96 1.08 20.48
CA ASP A 26 -10.17 -0.13 20.29
C ASP A 26 -10.34 -0.72 18.90
N GLY A 27 -11.19 -0.13 18.07
CA GLY A 27 -11.41 -0.60 16.71
C GLY A 27 -12.55 -1.57 16.57
N ASN A 28 -13.22 -1.91 17.68
CA ASN A 28 -14.34 -2.85 17.66
C ASN A 28 -15.66 -2.08 17.55
N SER A 29 -15.86 -1.49 16.37
CA SER A 29 -17.00 -0.60 16.14
C SER A 29 -18.32 -1.32 16.39
N GLY A 30 -19.27 -0.60 16.98
CA GLY A 30 -20.62 -1.09 17.16
C GLY A 30 -21.63 -0.70 16.09
N ILE A 31 -21.25 0.08 15.08
CA ILE A 31 -22.19 0.49 14.04
C ILE A 31 -21.81 -0.23 12.77
N ALA A 32 -22.77 -0.96 12.19
CA ALA A 32 -22.48 -1.82 11.07
C ALA A 32 -21.94 -1.04 9.88
N MET A 33 -22.16 0.28 9.84
CA MET A 33 -21.64 1.12 8.77
C MET A 33 -20.13 1.33 8.86
N TYR A 34 -19.57 1.30 10.07
CA TYR A 34 -18.16 1.57 10.27
C TYR A 34 -17.41 0.27 10.50
N PRO A 35 -16.57 -0.16 9.56
CA PRO A 35 -15.92 -1.49 9.69
C PRO A 35 -15.04 -1.57 10.92
N ARG A 36 -14.93 -2.79 11.46
CA ARG A 36 -14.01 -3.06 12.56
C ARG A 36 -12.57 -2.88 12.09
N LEU A 37 -11.72 -2.41 13.01
CA LEU A 37 -10.30 -2.20 12.74
C LEU A 37 -9.36 -2.92 13.69
N ALA A 38 -9.87 -3.47 14.80
CA ALA A 38 -9.03 -4.15 15.79
C ALA A 38 -8.29 -5.34 15.17
N ALA A 39 -6.96 -5.33 15.28
CA ALA A 39 -6.07 -6.36 14.76
C ALA A 39 -6.04 -6.42 13.24
N GLN A 40 -6.64 -5.45 12.55
CA GLN A 40 -6.39 -5.33 11.12
C GLN A 40 -4.92 -5.00 10.92
N HIS A 41 -4.38 -5.40 9.77
CA HIS A 41 -2.95 -5.33 9.60
C HIS A 41 -2.50 -3.91 9.27
N THR A 42 -1.30 -3.58 9.75
CA THR A 42 -0.82 -2.19 9.74
C THR A 42 -0.80 -1.61 8.33
N ALA A 43 -0.14 -2.29 7.40
CA ALA A 43 -0.06 -1.76 6.04
C ALA A 43 -1.44 -1.63 5.43
N TYR A 44 -2.34 -2.56 5.74
CA TYR A 44 -3.67 -2.50 5.18
C TYR A 44 -4.45 -1.31 5.73
N ILE A 45 -4.42 -1.10 7.04
CA ILE A 45 -5.07 0.08 7.61
C ILE A 45 -4.48 1.34 7.02
N TYR A 46 -3.14 1.41 6.95
CA TYR A 46 -2.47 2.62 6.49
C TYR A 46 -2.90 2.97 5.07
N HIS A 47 -2.78 2.02 4.15
CA HIS A 47 -3.04 2.32 2.74
C HIS A 47 -4.52 2.62 2.48
N GLN A 48 -5.42 1.98 3.22
CA GLN A 48 -6.85 2.27 3.05
C GLN A 48 -7.18 3.67 3.57
N THR A 49 -6.63 4.07 4.72
CA THR A 49 -6.85 5.41 5.23
C THR A 49 -6.34 6.47 4.25
N ILE A 50 -5.09 6.34 3.83
CA ILE A 50 -4.51 7.26 2.85
C ILE A 50 -5.38 7.33 1.61
N GLY A 51 -5.87 6.19 1.15
CA GLY A 51 -6.70 6.18 -0.06
C GLY A 51 -7.99 6.95 0.13
N ILE A 52 -8.61 6.80 1.32
CA ILE A 52 -9.84 7.53 1.59
C ILE A 52 -9.56 9.02 1.78
N ARG A 53 -8.51 9.35 2.53
CA ARG A 53 -8.13 10.75 2.70
C ARG A 53 -7.82 11.42 1.37
N ASP A 54 -7.11 10.73 0.49
CA ASP A 54 -6.64 11.33 -0.77
C ASP A 54 -7.64 11.18 -1.91
N GLY A 55 -8.87 10.77 -1.64
CA GLY A 55 -9.85 10.66 -2.70
C GLY A 55 -9.68 9.51 -3.65
N LYS A 56 -8.86 8.50 -3.33
CA LYS A 56 -8.69 7.36 -4.25
C LYS A 56 -9.69 6.25 -3.99
N ARG A 57 -10.03 6.00 -2.72
CA ARG A 57 -11.09 5.04 -2.36
C ARG A 57 -12.39 5.81 -2.20
N THR A 58 -13.30 5.68 -3.16
CA THR A 58 -14.49 6.52 -3.17
C THR A 58 -15.80 5.79 -2.98
N HIS A 59 -15.83 4.47 -3.11
CA HIS A 59 -17.09 3.74 -3.08
C HIS A 59 -17.69 3.76 -1.68
N GLY A 60 -18.91 3.21 -1.58
CA GLY A 60 -19.57 3.09 -0.29
C GLY A 60 -19.78 4.43 0.39
N SER A 61 -19.56 4.47 1.70
CA SER A 61 -19.67 5.70 2.49
C SER A 61 -18.31 6.29 2.83
N ALA A 62 -17.32 6.17 1.94
CA ALA A 62 -16.02 6.77 2.22
C ALA A 62 -16.11 8.29 2.37
N ALA A 63 -17.12 8.93 1.79
CA ALA A 63 -17.18 10.39 1.80
C ALA A 63 -17.32 10.97 3.20
N VAL A 64 -17.97 10.23 4.13
CA VAL A 64 -18.14 10.74 5.48
C VAL A 64 -16.83 10.72 6.25
N MET A 65 -15.91 9.81 5.90
CA MET A 65 -14.64 9.72 6.61
C MET A 65 -13.59 10.70 6.09
N LYS A 66 -13.58 10.98 4.79
CA LYS A 66 -12.52 11.80 4.20
C LYS A 66 -12.29 13.14 4.90
N PRO A 67 -13.32 13.92 5.25
CA PRO A 67 -13.03 15.22 5.88
C PRO A 67 -12.36 15.07 7.22
N VAL A 68 -12.75 14.05 7.99
CA VAL A 68 -12.23 13.91 9.34
C VAL A 68 -10.74 13.59 9.34
N VAL A 69 -10.23 12.94 8.30
CA VAL A 69 -8.83 12.51 8.24
C VAL A 69 -8.00 13.39 7.30
N MET A 70 -8.59 14.50 6.81
CA MET A 70 -7.98 15.33 5.77
C MET A 70 -6.62 15.89 6.17
N ASN A 71 -6.45 16.30 7.42
CA ASN A 71 -5.22 16.93 7.90
C ASN A 71 -4.36 16.00 8.74
N LEU A 72 -4.64 14.70 8.73
CA LEU A 72 -3.73 13.76 9.35
C LEU A 72 -2.47 13.62 8.51
N SER A 73 -1.32 13.64 9.16
CA SER A 73 -0.07 13.39 8.47
C SER A 73 0.09 11.90 8.15
N ASP A 74 1.05 11.60 7.27
CA ASP A 74 1.33 10.21 6.96
C ASP A 74 1.82 9.47 8.18
N GLN A 75 2.66 10.12 8.99
CA GLN A 75 3.11 9.54 10.25
C GLN A 75 1.95 9.35 11.23
N ASP A 76 0.99 10.28 11.25
CA ASP A 76 -0.20 10.11 12.07
C ASP A 76 -0.95 8.84 11.67
N ILE A 77 -1.15 8.65 10.37
CA ILE A 77 -1.90 7.47 9.92
C ILE A 77 -1.11 6.19 10.22
N LEU A 78 0.22 6.22 10.04
CA LEU A 78 1.04 5.05 10.40
C LEU A 78 0.98 4.75 11.89
N ASN A 79 0.95 5.79 12.73
CA ASN A 79 0.89 5.55 14.16
C ASN A 79 -0.42 4.90 14.57
N VAL A 80 -1.55 5.40 14.06
CA VAL A 80 -2.83 4.84 14.51
C VAL A 80 -3.05 3.46 13.88
N SER A 81 -2.48 3.22 12.69
CA SER A 81 -2.49 1.87 12.12
C SER A 81 -1.80 0.87 13.04
N ALA A 82 -0.56 1.17 13.46
CA ALA A 82 0.17 0.27 14.35
C ALA A 82 -0.60 0.07 15.65
N PHE A 83 -1.29 1.11 16.12
CA PHE A 83 -2.07 0.99 17.33
C PHE A 83 -3.22 0.02 17.12
N TYR A 84 -4.02 0.25 16.09
CA TYR A 84 -5.17 -0.63 15.85
C TYR A 84 -4.74 -2.07 15.61
N ALA A 85 -3.60 -2.27 14.95
CA ALA A 85 -3.13 -3.61 14.65
C ALA A 85 -2.82 -4.41 15.90
N LYS A 86 -2.55 -3.74 17.01
CA LYS A 86 -2.24 -4.45 18.25
C LYS A 86 -3.47 -4.69 19.11
N GLN A 87 -4.64 -4.17 18.74
CA GLN A 87 -5.82 -4.34 19.57
C GLN A 87 -6.35 -5.78 19.49
N GLN A 88 -7.21 -6.13 20.47
CA GLN A 88 -7.80 -7.47 20.53
C GLN A 88 -9.13 -7.49 19.76
N PRO A 89 -9.35 -8.45 18.89
CA PRO A 89 -10.57 -8.42 18.06
C PRO A 89 -11.74 -9.05 18.77
N LYS A 90 -12.90 -8.41 18.65
CA LYS A 90 -14.16 -8.96 19.12
C LYS A 90 -15.02 -9.31 17.91
N SER A 91 -15.89 -10.30 18.08
CA SER A 91 -16.72 -10.74 16.97
C SER A 91 -18.19 -10.50 17.26
N GLY A 92 -18.95 -10.43 16.18
CA GLY A 92 -20.39 -10.44 16.26
C GLY A 92 -20.85 -11.87 16.38
N GLU A 93 -22.11 -12.09 16.01
CA GLU A 93 -22.70 -13.41 16.10
C GLU A 93 -23.34 -13.75 14.77
N ALA A 94 -23.34 -15.03 14.44
CA ALA A 94 -23.92 -15.52 13.20
C ALA A 94 -25.42 -15.71 13.40
N ASN A 95 -26.22 -15.22 12.46
CA ASN A 95 -27.67 -15.36 12.53
C ASN A 95 -28.04 -16.76 12.06
N PRO A 96 -28.66 -17.58 12.92
CA PRO A 96 -28.98 -18.97 12.52
C PRO A 96 -29.89 -19.07 11.31
N LYS A 97 -30.61 -18.01 10.96
CA LYS A 97 -31.52 -18.04 9.82
C LYS A 97 -30.86 -17.56 8.53
N GLU A 98 -29.55 -17.25 8.56
CA GLU A 98 -28.83 -16.76 7.39
C GLU A 98 -27.89 -17.81 6.82
N ASN A 99 -28.34 -19.06 6.84
CA ASN A 99 -27.62 -20.21 6.30
C ASN A 99 -26.15 -20.23 6.70
N PRO A 100 -25.84 -20.17 7.99
CA PRO A 100 -24.44 -20.20 8.39
C PRO A 100 -23.74 -21.50 8.00
N GLU A 101 -24.49 -22.58 7.83
CA GLU A 101 -23.88 -23.83 7.36
C GLU A 101 -23.33 -23.67 5.95
N LEU A 102 -24.06 -22.98 5.07
CA LEU A 102 -23.48 -22.73 3.75
C LEU A 102 -22.32 -21.75 3.84
N GLY A 103 -22.46 -20.71 4.67
CA GLY A 103 -21.36 -19.76 4.83
C GLY A 103 -20.07 -20.44 5.25
N ALA A 104 -20.16 -21.32 6.26
CA ALA A 104 -19.00 -22.10 6.69
C ALA A 104 -18.45 -22.95 5.56
N LYS A 105 -19.31 -23.55 4.74
CA LYS A 105 -18.81 -24.36 3.64
C LYS A 105 -18.11 -23.50 2.59
N ILE A 106 -18.65 -22.32 2.29
CA ILE A 106 -17.96 -21.40 1.39
C ILE A 106 -16.61 -21.02 1.97
N TYR A 107 -16.60 -20.71 3.25
CA TYR A 107 -15.39 -20.18 3.88
C TYR A 107 -14.28 -21.23 3.93
N ARG A 108 -14.62 -22.47 4.32
CA ARG A 108 -13.60 -23.48 4.59
C ARG A 108 -13.30 -24.38 3.41
N GLY A 109 -14.28 -24.60 2.52
CA GLY A 109 -14.05 -25.45 1.37
C GLY A 109 -14.40 -24.88 0.01
N GLY A 110 -14.73 -23.58 -0.06
CA GLY A 110 -15.13 -22.94 -1.31
C GLY A 110 -16.38 -23.50 -1.98
N LEU A 111 -16.59 -23.15 -3.25
CA LEU A 111 -17.70 -23.65 -4.07
C LEU A 111 -17.07 -24.16 -5.35
N SER A 112 -16.67 -25.44 -5.34
CA SER A 112 -15.87 -25.97 -6.44
C SER A 112 -16.60 -25.91 -7.77
N ASP A 113 -17.92 -26.07 -7.76
CA ASP A 113 -18.68 -26.01 -9.01
C ASP A 113 -18.57 -24.64 -9.68
N LYS A 114 -18.52 -23.56 -8.90
CA LYS A 114 -18.43 -22.23 -9.47
C LYS A 114 -17.01 -21.65 -9.40
N LYS A 115 -16.01 -22.49 -9.16
CA LYS A 115 -14.61 -22.07 -9.10
C LYS A 115 -14.39 -20.96 -8.06
N VAL A 116 -15.20 -20.94 -7.00
CA VAL A 116 -14.99 -20.04 -5.88
C VAL A 116 -14.07 -20.74 -4.89
N PRO A 117 -12.85 -20.27 -4.69
CA PRO A 117 -11.94 -20.91 -3.74
C PRO A 117 -12.34 -20.60 -2.30
N ALA A 118 -11.91 -21.48 -1.41
CA ALA A 118 -12.15 -21.29 0.02
C ALA A 118 -11.51 -19.99 0.52
N CYS A 119 -12.34 -19.13 1.13
CA CYS A 119 -11.83 -17.87 1.65
C CYS A 119 -10.67 -18.09 2.60
N MET A 120 -10.78 -19.14 3.42
CA MET A 120 -9.80 -19.43 4.46
C MET A 120 -8.39 -19.57 3.89
N SER A 121 -8.27 -20.01 2.63
CA SER A 121 -6.95 -20.24 2.03
C SER A 121 -6.12 -18.96 1.97
N CYS A 122 -6.78 -17.80 1.93
CA CYS A 122 -6.10 -16.51 2.04
C CYS A 122 -6.38 -15.78 3.33
N HIS A 123 -7.61 -15.85 3.82
CA HIS A 123 -7.96 -15.03 4.97
C HIS A 123 -7.80 -15.77 6.30
N GLY A 124 -7.39 -17.05 6.29
CA GLY A 124 -7.07 -17.76 7.51
C GLY A 124 -8.21 -18.51 8.18
N PRO A 125 -7.86 -19.49 9.01
CA PRO A 125 -8.88 -20.34 9.63
C PRO A 125 -9.75 -19.61 10.63
N SER A 126 -9.28 -18.50 11.17
CA SER A 126 -10.06 -17.64 12.06
C SER A 126 -10.31 -16.29 11.44
N GLY A 127 -10.08 -16.14 10.14
CA GLY A 127 -10.20 -14.86 9.49
C GLY A 127 -9.20 -13.81 9.92
N ALA A 128 -8.02 -14.23 10.40
CA ALA A 128 -7.05 -13.24 10.86
C ALA A 128 -6.33 -12.55 9.71
N GLY A 129 -6.43 -13.08 8.49
CA GLY A 129 -5.63 -12.56 7.40
C GLY A 129 -4.14 -12.83 7.64
N MET A 130 -3.32 -12.19 6.79
CA MET A 130 -1.86 -12.32 6.77
C MET A 130 -1.27 -10.92 6.60
N PRO A 131 -0.32 -10.51 7.44
CA PRO A 131 0.35 -9.23 7.23
C PRO A 131 1.44 -9.36 6.18
N GLY A 132 1.90 -8.21 5.69
CA GLY A 132 3.02 -8.19 4.80
C GLY A 132 4.35 -8.40 5.51
N GLY A 133 5.38 -8.77 4.74
CA GLY A 133 6.69 -8.96 5.33
C GLY A 133 7.39 -10.23 4.87
N GLY A 134 8.66 -10.35 5.25
CA GLY A 134 9.48 -11.46 4.78
C GLY A 134 9.68 -11.37 3.28
N SER A 135 9.56 -12.53 2.61
CA SER A 135 9.50 -12.62 1.16
C SER A 135 8.06 -12.76 0.65
N GLU A 136 7.08 -12.34 1.45
CA GLU A 136 5.69 -12.38 1.05
C GLU A 136 5.39 -11.17 0.18
N ILE A 137 4.97 -11.42 -1.06
CA ILE A 137 4.59 -10.36 -1.96
C ILE A 137 3.12 -9.99 -1.86
N GLN A 138 2.35 -10.68 -1.02
CA GLN A 138 0.90 -10.49 -0.98
C GLN A 138 0.39 -10.75 0.44
N ALA A 139 -0.19 -9.72 1.03
CA ALA A 139 -0.81 -9.75 2.35
C ALA A 139 -2.32 -9.82 2.16
N TYR A 140 -3.02 -10.25 3.21
CA TYR A 140 -4.47 -10.42 3.16
C TYR A 140 -5.10 -9.82 4.39
N PRO A 141 -6.08 -8.94 4.25
CA PRO A 141 -6.67 -8.30 5.43
C PRO A 141 -7.46 -9.29 6.27
N ARG A 142 -7.51 -8.98 7.55
CA ARG A 142 -8.36 -9.68 8.49
C ARG A 142 -9.82 -9.52 8.08
N LEU A 143 -10.62 -10.58 8.28
CA LEU A 143 -12.07 -10.58 8.06
C LEU A 143 -12.88 -11.05 9.26
N GLY A 144 -12.30 -11.83 10.18
CA GLY A 144 -13.07 -12.42 11.26
C GLY A 144 -13.74 -11.38 12.13
N GLY A 145 -15.02 -11.63 12.45
CA GLY A 145 -15.83 -10.74 13.28
C GLY A 145 -16.28 -9.46 12.62
N GLN A 146 -15.95 -9.27 11.34
CA GLN A 146 -16.32 -8.05 10.63
C GLN A 146 -17.83 -7.99 10.45
N HIS A 147 -18.37 -6.77 10.47
CA HIS A 147 -19.81 -6.60 10.31
C HIS A 147 -20.25 -7.20 8.98
N GLN A 148 -21.29 -8.04 9.04
CA GLN A 148 -21.70 -8.77 7.85
C GLN A 148 -22.18 -7.83 6.76
N ALA A 149 -22.82 -6.72 7.14
CA ALA A 149 -23.31 -5.77 6.15
C ALA A 149 -22.16 -5.12 5.39
N TYR A 150 -21.08 -4.77 6.10
CA TYR A 150 -19.90 -4.22 5.46
C TYR A 150 -19.32 -5.22 4.46
N ILE A 151 -19.25 -6.49 4.85
CA ILE A 151 -18.65 -7.50 3.98
C ILE A 151 -19.42 -7.60 2.68
N VAL A 152 -20.74 -7.63 2.78
CA VAL A 152 -21.55 -7.77 1.58
C VAL A 152 -21.39 -6.55 0.69
N GLU A 153 -21.33 -5.37 1.30
CA GLU A 153 -21.15 -4.14 0.52
C GLU A 153 -19.82 -4.16 -0.24
N GLN A 154 -18.72 -4.53 0.42
CA GLN A 154 -17.44 -4.59 -0.29
C GLN A 154 -17.49 -5.61 -1.41
N MET A 155 -18.02 -6.81 -1.13
CA MET A 155 -18.16 -7.86 -2.13
C MET A 155 -18.92 -7.35 -3.35
N ASN A 156 -19.96 -6.53 -3.13
CA ASN A 156 -20.68 -5.92 -4.25
C ASN A 156 -19.85 -4.89 -4.99
N ALA A 157 -19.13 -4.03 -4.26
CA ALA A 157 -18.21 -3.11 -4.92
C ALA A 157 -17.21 -3.85 -5.79
N TYR A 158 -16.65 -4.95 -5.27
CA TYR A 158 -15.75 -5.76 -6.10
C TYR A 158 -16.48 -6.29 -7.32
N LYS A 159 -17.71 -6.78 -7.12
CA LYS A 159 -18.52 -7.30 -8.21
C LYS A 159 -18.70 -6.24 -9.31
N SER A 160 -19.07 -5.02 -8.92
CA SER A 160 -19.38 -4.00 -9.89
C SER A 160 -18.12 -3.36 -10.46
N GLY A 161 -16.97 -3.53 -9.80
CA GLY A 161 -15.77 -2.83 -10.20
C GLY A 161 -15.59 -1.47 -9.57
N GLN A 162 -16.52 -1.03 -8.70
CA GLN A 162 -16.32 0.20 -7.95
C GLN A 162 -15.11 0.10 -7.02
N ARG A 163 -14.77 -1.12 -6.60
CA ARG A 163 -13.55 -1.39 -5.85
C ARG A 163 -12.67 -2.32 -6.67
N LYS A 164 -11.38 -2.01 -6.74
CA LYS A 164 -10.46 -2.71 -7.63
C LYS A 164 -9.64 -3.70 -6.83
N ASN A 165 -9.67 -4.96 -7.27
CA ASN A 165 -8.72 -6.01 -6.91
C ASN A 165 -9.03 -7.23 -7.77
N THR A 166 -8.10 -7.58 -8.66
CA THR A 166 -8.41 -8.59 -9.66
C THR A 166 -8.76 -9.92 -8.99
N ILE A 167 -8.05 -10.28 -7.93
CA ILE A 167 -8.35 -11.50 -7.19
C ILE A 167 -9.79 -11.45 -6.65
N MET A 168 -10.12 -10.39 -5.93
CA MET A 168 -11.43 -10.38 -5.29
C MET A 168 -12.55 -10.09 -6.29
N GLU A 169 -12.29 -9.27 -7.32
CA GLU A 169 -13.30 -9.04 -8.35
C GLU A 169 -13.70 -10.36 -9.01
N ASP A 170 -12.72 -11.18 -9.39
CA ASP A 170 -13.01 -12.47 -10.01
C ASP A 170 -13.76 -13.39 -9.05
N ILE A 171 -13.39 -13.38 -7.76
CA ILE A 171 -14.09 -14.23 -6.80
C ILE A 171 -15.53 -13.74 -6.61
N ALA A 172 -15.71 -12.45 -6.36
CA ALA A 172 -17.05 -11.92 -6.07
C ALA A 172 -18.00 -12.16 -7.24
N ASN A 173 -17.51 -12.08 -8.47
CA ASN A 173 -18.39 -12.19 -9.62
C ASN A 173 -18.86 -13.62 -9.87
N ARG A 174 -18.12 -14.62 -9.39
CA ARG A 174 -18.55 -16.01 -9.51
C ARG A 174 -19.61 -16.39 -8.49
N MET A 175 -19.95 -15.51 -7.56
CA MET A 175 -20.81 -15.88 -6.45
C MET A 175 -22.17 -15.21 -6.60
N SER A 176 -23.15 -15.75 -5.87
CA SER A 176 -24.51 -15.24 -5.89
C SER A 176 -24.79 -14.43 -4.62
N GLU A 177 -25.86 -13.64 -4.68
CA GLU A 177 -26.29 -12.85 -3.52
C GLU A 177 -26.48 -13.74 -2.32
N GLU A 178 -27.04 -14.93 -2.53
CA GLU A 178 -27.22 -15.88 -1.44
C GLU A 178 -25.87 -16.32 -0.88
N ASP A 179 -24.94 -16.70 -1.77
CA ASP A 179 -23.58 -17.03 -1.38
C ASP A 179 -22.97 -15.94 -0.51
N LEU A 180 -23.04 -14.68 -0.96
CA LEU A 180 -22.42 -13.58 -0.23
C LEU A 180 -23.05 -13.41 1.14
N LYS A 181 -24.39 -13.39 1.17
CA LYS A 181 -25.07 -13.15 2.44
C LYS A 181 -24.73 -14.25 3.45
N ALA A 182 -24.64 -15.49 2.98
CA ALA A 182 -24.29 -16.61 3.86
C ALA A 182 -22.85 -16.49 4.38
N VAL A 183 -21.89 -16.30 3.47
CA VAL A 183 -20.50 -16.26 3.94
C VAL A 183 -20.28 -15.05 4.82
N ALA A 184 -20.90 -13.91 4.48
CA ALA A 184 -20.82 -12.75 5.36
C ALA A 184 -21.36 -13.06 6.75
N ASN A 185 -22.49 -13.76 6.82
CA ASN A 185 -23.06 -14.11 8.11
C ASN A 185 -22.09 -14.96 8.92
N PHE A 186 -21.52 -15.97 8.29
CA PHE A 186 -20.56 -16.84 8.98
C PHE A 186 -19.35 -16.05 9.48
N ILE A 187 -18.81 -15.16 8.64
CA ILE A 187 -17.63 -14.38 8.97
C ILE A 187 -17.85 -13.49 10.19
N GLN A 188 -19.08 -12.96 10.36
CA GLN A 188 -19.40 -12.12 11.51
C GLN A 188 -19.19 -12.85 12.83
N GLY A 189 -19.42 -14.17 12.84
CA GLY A 189 -19.30 -14.96 14.03
C GLY A 189 -18.00 -15.69 14.17
N LEU A 190 -17.07 -15.50 13.23
CA LEU A 190 -15.74 -16.09 13.30
C LEU A 190 -14.90 -15.44 14.40
N ARG A 191 -14.51 -16.22 15.40
CA ARG A 191 -13.72 -15.71 16.53
C ARG A 191 -12.37 -16.46 16.59
N LYS B 5 18.48 12.14 15.25
CA LYS B 5 17.63 13.22 14.78
C LYS B 5 18.20 13.77 13.48
N ALA B 6 17.40 14.46 12.70
CA ALA B 6 17.85 15.05 11.45
C ALA B 6 17.77 16.56 11.55
N ASP B 7 18.72 17.22 10.90
CA ASP B 7 18.76 18.68 10.82
C ASP B 7 18.31 19.04 9.41
N VAL B 8 17.01 19.30 9.29
CA VAL B 8 16.43 19.58 7.97
C VAL B 8 17.06 20.84 7.37
N GLU B 9 17.29 21.85 8.23
CA GLU B 9 17.96 23.08 7.77
C GLU B 9 19.29 22.74 7.09
N LYS B 10 20.16 22.01 7.79
CA LYS B 10 21.37 21.50 7.16
C LYS B 10 21.06 20.69 5.91
N GLY B 11 20.09 19.77 6.00
CA GLY B 11 19.72 18.97 4.83
C GLY B 11 19.42 19.83 3.61
N LYS B 12 18.83 21.01 3.81
CA LYS B 12 18.49 21.89 2.70
C LYS B 12 19.73 22.38 1.95
N GLN B 13 20.76 22.82 2.69
CA GLN B 13 21.98 23.27 2.02
C GLN B 13 22.65 22.13 1.28
N VAL B 14 22.65 20.94 1.88
CA VAL B 14 23.20 19.77 1.21
C VAL B 14 22.50 19.56 -0.12
N ALA B 15 21.17 19.55 -0.11
CA ALA B 15 20.44 19.40 -1.37
C ALA B 15 20.77 20.54 -2.34
N ALA B 16 20.85 21.77 -1.83
CA ALA B 16 21.02 22.91 -2.72
C ALA B 16 22.42 22.94 -3.33
N THR B 17 23.42 22.46 -2.60
CA THR B 17 24.80 22.57 -3.06
C THR B 17 25.35 21.30 -3.68
N VAL B 18 24.77 20.14 -3.38
CA VAL B 18 25.33 18.87 -3.82
C VAL B 18 24.37 18.10 -4.72
N CYS B 19 23.11 17.94 -4.29
CA CYS B 19 22.15 17.14 -5.04
C CYS B 19 21.36 17.91 -6.09
N ALA B 20 21.17 19.23 -5.89
CA ALA B 20 20.25 20.02 -6.73
C ALA B 20 20.55 19.90 -8.22
N ALA B 21 21.83 19.85 -8.62
CA ALA B 21 22.14 19.88 -10.05
C ALA B 21 21.49 18.73 -10.80
N CYS B 22 21.30 17.60 -10.15
CA CYS B 22 20.71 16.42 -10.79
C CYS B 22 19.28 16.15 -10.37
N HIS B 23 18.97 16.24 -9.07
CA HIS B 23 17.67 15.86 -8.55
C HIS B 23 16.73 17.05 -8.36
N ALA B 24 17.26 18.28 -8.44
CA ALA B 24 16.64 19.58 -8.18
C ALA B 24 16.67 19.90 -6.71
N ALA B 25 16.64 21.20 -6.38
CA ALA B 25 16.71 21.61 -4.99
C ALA B 25 15.55 21.08 -4.16
N ASP B 26 14.39 20.85 -4.78
CA ASP B 26 13.22 20.33 -4.10
C ASP B 26 12.97 18.84 -4.40
N GLY B 27 13.83 18.19 -5.17
CA GLY B 27 13.67 16.80 -5.48
C GLY B 27 12.83 16.53 -6.71
N ASN B 28 12.35 17.56 -7.39
CA ASN B 28 11.45 17.38 -8.53
C ASN B 28 12.23 17.52 -9.84
N SER B 29 13.04 16.49 -10.09
CA SER B 29 13.93 16.45 -11.23
C SER B 29 13.20 16.67 -12.55
N GLY B 30 13.84 17.39 -13.47
CA GLY B 30 13.38 17.52 -14.84
C GLY B 30 13.99 16.54 -15.82
N ILE B 31 15.17 15.99 -15.50
CA ILE B 31 15.86 15.05 -16.36
C ILE B 31 15.39 13.63 -16.04
N ALA B 32 14.95 12.89 -17.06
CA ALA B 32 14.39 11.57 -16.81
C ALA B 32 15.41 10.63 -16.17
N MET B 33 16.71 10.83 -16.43
CA MET B 33 17.69 9.90 -15.89
C MET B 33 17.97 10.13 -14.40
N TYR B 34 17.52 11.25 -13.84
CA TYR B 34 17.69 11.48 -12.41
C TYR B 34 16.34 11.32 -11.71
N PRO B 35 16.18 10.34 -10.83
CA PRO B 35 14.88 10.10 -10.22
C PRO B 35 14.47 11.26 -9.33
N ARG B 36 13.15 11.44 -9.19
CA ARG B 36 12.63 12.44 -8.27
C ARG B 36 12.83 11.94 -6.85
N LEU B 37 13.14 12.88 -5.95
CA LEU B 37 13.31 12.58 -4.53
C LEU B 37 12.23 13.23 -3.67
N ALA B 38 11.43 14.12 -4.26
CA ALA B 38 10.49 14.91 -3.46
C ALA B 38 9.47 14.00 -2.78
N ALA B 39 9.36 14.16 -1.45
CA ALA B 39 8.44 13.38 -0.62
C ALA B 39 8.78 11.90 -0.56
N GLN B 40 9.92 11.48 -1.10
CA GLN B 40 10.38 10.12 -0.88
C GLN B 40 10.76 9.96 0.58
N HIS B 41 10.43 8.81 1.16
CA HIS B 41 10.58 8.65 2.61
C HIS B 41 12.05 8.67 3.03
N THR B 42 12.30 9.28 4.19
CA THR B 42 13.65 9.47 4.72
C THR B 42 14.50 8.20 4.70
N ALA B 43 13.97 7.13 5.31
CA ALA B 43 14.69 5.87 5.40
C ALA B 43 15.13 5.36 4.02
N TYR B 44 14.25 5.45 3.02
CA TYR B 44 14.59 4.94 1.69
C TYR B 44 15.65 5.81 1.01
N ILE B 45 15.52 7.14 1.10
CA ILE B 45 16.56 8.03 0.55
C ILE B 45 17.88 7.76 1.26
N TYR B 46 17.83 7.60 2.57
CA TYR B 46 19.03 7.32 3.35
C TYR B 46 19.77 6.09 2.85
N HIS B 47 19.07 4.95 2.78
CA HIS B 47 19.73 3.66 2.51
C HIS B 47 20.17 3.56 1.05
N GLN B 48 19.39 4.12 0.12
CA GLN B 48 19.81 4.13 -1.28
C GLN B 48 21.03 5.02 -1.47
N THR B 49 21.09 6.16 -0.79
CA THR B 49 22.24 7.05 -0.94
C THR B 49 23.50 6.40 -0.37
N ILE B 50 23.41 5.86 0.85
CA ILE B 50 24.52 5.08 1.41
C ILE B 50 24.89 3.94 0.49
N GLY B 51 23.89 3.28 -0.11
CA GLY B 51 24.17 2.15 -0.98
C GLY B 51 24.94 2.57 -2.23
N ILE B 52 24.59 3.72 -2.79
CA ILE B 52 25.31 4.23 -3.96
C ILE B 52 26.70 4.71 -3.54
N ARG B 53 26.80 5.40 -2.40
CA ARG B 53 28.07 5.94 -1.94
C ARG B 53 29.08 4.83 -1.69
N ASP B 54 28.63 3.73 -1.09
CA ASP B 54 29.52 2.68 -0.62
C ASP B 54 29.62 1.52 -1.59
N GLY B 55 29.14 1.67 -2.82
CA GLY B 55 29.31 0.67 -3.84
C GLY B 55 28.40 -0.53 -3.74
N LYS B 56 27.39 -0.50 -2.87
CA LYS B 56 26.48 -1.63 -2.83
C LYS B 56 25.44 -1.55 -3.95
N ARG B 57 25.02 -0.33 -4.34
CA ARG B 57 24.14 -0.10 -5.47
C ARG B 57 24.97 0.39 -6.66
N THR B 58 25.10 -0.43 -7.70
CA THR B 58 25.97 -0.10 -8.82
C THR B 58 25.31 -0.12 -10.18
N HIS B 59 24.06 -0.54 -10.29
CA HIS B 59 23.46 -0.70 -11.60
C HIS B 59 23.10 0.67 -12.20
N GLY B 60 22.59 0.63 -13.42
CA GLY B 60 22.16 1.86 -14.05
C GLY B 60 23.28 2.88 -14.10
N SER B 61 22.99 4.09 -13.65
CA SER B 61 23.92 5.20 -13.72
C SER B 61 24.40 5.66 -12.35
N ALA B 62 24.39 4.75 -11.37
CA ALA B 62 24.90 5.06 -10.04
C ALA B 62 26.26 5.74 -10.09
N ALA B 63 27.10 5.42 -11.07
CA ALA B 63 28.48 5.90 -11.07
C ALA B 63 28.59 7.43 -11.17
N VAL B 64 27.63 8.12 -11.81
CA VAL B 64 27.73 9.59 -11.91
C VAL B 64 27.58 10.26 -10.57
N MET B 65 26.93 9.59 -9.61
CA MET B 65 26.51 10.19 -8.36
C MET B 65 27.48 9.86 -7.25
N LYS B 66 28.09 8.68 -7.32
CA LYS B 66 29.02 8.23 -6.29
C LYS B 66 30.10 9.25 -5.94
N PRO B 67 30.76 9.92 -6.91
CA PRO B 67 31.92 10.77 -6.54
C PRO B 67 31.60 11.89 -5.56
N VAL B 68 30.50 12.61 -5.74
CA VAL B 68 30.19 13.70 -4.83
C VAL B 68 29.66 13.22 -3.49
N VAL B 69 29.17 11.96 -3.39
CA VAL B 69 28.64 11.57 -2.08
C VAL B 69 29.66 10.80 -1.25
N MET B 70 30.79 10.38 -1.81
CA MET B 70 31.73 9.59 -1.01
C MET B 70 32.22 10.37 0.19
N ASN B 71 32.31 11.69 0.08
CA ASN B 71 32.80 12.50 1.19
C ASN B 71 31.66 13.01 2.08
N LEU B 72 30.43 12.57 1.85
CA LEU B 72 29.33 12.88 2.76
C LEU B 72 29.30 11.88 3.91
N SER B 73 28.99 12.39 5.10
CA SER B 73 28.83 11.59 6.32
C SER B 73 27.44 10.97 6.38
N ASP B 74 27.31 9.91 7.18
CA ASP B 74 26.00 9.31 7.41
C ASP B 74 24.98 10.34 7.90
N GLN B 75 25.40 11.20 8.83
CA GLN B 75 24.49 12.24 9.33
C GLN B 75 24.11 13.23 8.24
N ASP B 76 25.08 13.59 7.38
CA ASP B 76 24.77 14.45 6.24
C ASP B 76 23.64 13.85 5.41
N ILE B 77 23.77 12.57 5.07
CA ILE B 77 22.81 11.90 4.19
C ILE B 77 21.44 11.80 4.88
N LEU B 78 21.42 11.54 6.18
CA LEU B 78 20.18 11.61 6.94
C LEU B 78 19.52 12.99 6.82
N ASN B 79 20.30 14.05 7.05
CA ASN B 79 19.77 15.41 6.98
C ASN B 79 19.13 15.70 5.63
N VAL B 80 19.83 15.38 4.53
CA VAL B 80 19.25 15.69 3.24
C VAL B 80 18.08 14.77 2.93
N SER B 81 18.10 13.54 3.46
CA SER B 81 16.97 12.63 3.28
C SER B 81 15.72 13.20 3.91
N ALA B 82 15.82 13.56 5.19
CA ALA B 82 14.71 14.18 5.92
C ALA B 82 14.17 15.40 5.18
N PHE B 83 15.08 16.24 4.67
CA PHE B 83 14.68 17.43 3.93
C PHE B 83 13.87 17.07 2.69
N TYR B 84 14.40 16.19 1.84
CA TYR B 84 13.66 15.81 0.65
C TYR B 84 12.36 15.09 0.98
N ALA B 85 12.32 14.37 2.10
CA ALA B 85 11.08 13.71 2.46
C ALA B 85 9.96 14.71 2.71
N LYS B 86 10.32 15.93 3.12
CA LYS B 86 9.36 16.98 3.46
C LYS B 86 8.87 17.77 2.24
N GLN B 87 9.47 17.58 1.07
CA GLN B 87 9.11 18.38 -0.09
C GLN B 87 7.75 17.97 -0.66
N GLN B 88 7.17 18.88 -1.46
CA GLN B 88 5.91 18.62 -2.15
C GLN B 88 6.17 17.88 -3.46
N PRO B 89 5.63 16.69 -3.66
CA PRO B 89 5.90 15.97 -4.90
C PRO B 89 5.19 16.61 -6.07
N LYS B 90 5.86 16.67 -7.21
CA LYS B 90 5.24 17.16 -8.42
C LYS B 90 5.09 15.97 -9.37
N SER B 91 3.95 15.89 -10.04
CA SER B 91 3.68 14.76 -10.90
C SER B 91 4.01 15.13 -12.33
N GLY B 92 4.01 14.11 -13.20
CA GLY B 92 4.09 14.29 -14.63
C GLY B 92 2.78 13.95 -15.31
N GLU B 93 2.85 13.78 -16.63
CA GLU B 93 1.68 13.49 -17.43
C GLU B 93 1.82 12.12 -18.08
N ALA B 94 0.69 11.44 -18.24
CA ALA B 94 0.66 10.12 -18.84
C ALA B 94 0.47 10.24 -20.35
N ASN B 95 0.62 9.12 -21.05
CA ASN B 95 0.47 9.12 -22.50
C ASN B 95 -0.67 8.19 -22.89
N PRO B 96 -1.70 8.72 -23.59
CA PRO B 96 -2.90 7.90 -23.89
C PRO B 96 -2.65 6.77 -24.88
N LYS B 97 -1.50 6.75 -25.59
CA LYS B 97 -1.18 5.66 -26.49
C LYS B 97 -0.40 4.54 -25.79
N GLU B 98 -0.13 4.68 -24.48
CA GLU B 98 0.65 3.70 -23.72
C GLU B 98 -0.23 2.83 -22.84
N ASN B 99 -1.16 2.11 -23.47
CA ASN B 99 -2.16 1.26 -22.83
C ASN B 99 -2.50 1.75 -21.44
N PRO B 100 -3.10 2.93 -21.31
CA PRO B 100 -3.45 3.43 -19.97
C PRO B 100 -4.39 2.53 -19.21
N GLU B 101 -5.18 1.70 -19.91
CA GLU B 101 -6.02 0.73 -19.22
C GLU B 101 -5.17 -0.34 -18.55
N LEU B 102 -4.17 -0.87 -19.25
CA LEU B 102 -3.35 -1.93 -18.67
C LEU B 102 -2.55 -1.42 -17.47
N GLY B 103 -1.95 -0.23 -17.58
CA GLY B 103 -1.18 0.29 -16.48
C GLY B 103 -2.03 0.48 -15.22
N ALA B 104 -3.26 0.96 -15.40
CA ALA B 104 -4.16 1.12 -14.27
C ALA B 104 -4.55 -0.23 -13.68
N LYS B 105 -4.77 -1.24 -14.51
CA LYS B 105 -5.13 -2.55 -13.98
C LYS B 105 -4.00 -3.12 -13.13
N ILE B 106 -2.76 -3.02 -13.63
CA ILE B 106 -1.61 -3.51 -12.87
C ILE B 106 -1.48 -2.77 -11.55
N TYR B 107 -1.58 -1.43 -11.58
CA TYR B 107 -1.31 -0.68 -10.36
C TYR B 107 -2.41 -0.89 -9.31
N ARG B 108 -3.68 -0.90 -9.73
CA ARG B 108 -4.83 -0.92 -8.84
C ARG B 108 -5.33 -2.34 -8.54
N GLY B 109 -5.28 -3.26 -9.50
CA GLY B 109 -5.90 -4.56 -9.29
C GLY B 109 -4.96 -5.75 -9.27
N GLY B 110 -3.87 -5.66 -10.04
CA GLY B 110 -2.97 -6.79 -10.21
C GLY B 110 -3.40 -7.63 -11.39
N LEU B 111 -2.58 -8.64 -11.69
CA LEU B 111 -2.85 -9.55 -12.80
C LEU B 111 -2.88 -10.96 -12.24
N SER B 112 -4.02 -11.64 -12.36
CA SER B 112 -4.16 -12.98 -11.82
C SER B 112 -3.51 -14.05 -12.68
N ASP B 113 -3.48 -13.85 -14.00
CA ASP B 113 -2.79 -14.80 -14.87
C ASP B 113 -1.35 -14.99 -14.41
N LYS B 114 -0.60 -13.89 -14.30
CA LYS B 114 0.82 -13.92 -13.96
C LYS B 114 1.08 -13.87 -12.44
N LYS B 115 0.05 -13.94 -11.60
CA LYS B 115 0.20 -13.88 -10.14
C LYS B 115 0.91 -12.58 -9.71
N VAL B 116 0.47 -11.46 -10.26
CA VAL B 116 1.09 -10.15 -10.01
C VAL B 116 0.22 -9.39 -9.03
N PRO B 117 0.70 -9.09 -7.82
CA PRO B 117 -0.11 -8.34 -6.86
C PRO B 117 -0.33 -6.91 -7.34
N ALA B 118 -1.44 -6.32 -6.91
CA ALA B 118 -1.69 -4.90 -7.17
C ALA B 118 -0.59 -4.06 -6.55
N CYS B 119 0.10 -3.28 -7.37
CA CYS B 119 1.18 -2.45 -6.86
C CYS B 119 0.72 -1.56 -5.71
N MET B 120 -0.53 -1.07 -5.74
CA MET B 120 -0.93 -0.14 -4.67
C MET B 120 -1.05 -0.82 -3.31
N SER B 121 -1.04 -2.15 -3.23
CA SER B 121 -1.06 -2.79 -1.90
C SER B 121 0.17 -2.44 -1.05
N CYS B 122 1.26 -2.01 -1.66
CA CYS B 122 2.46 -1.55 -0.97
C CYS B 122 2.85 -0.11 -1.30
N HIS B 123 2.71 0.30 -2.56
CA HIS B 123 3.18 1.63 -2.95
C HIS B 123 2.13 2.71 -2.79
N GLY B 124 0.90 2.34 -2.46
CA GLY B 124 -0.11 3.31 -2.10
C GLY B 124 -1.10 3.59 -3.21
N PRO B 125 -2.36 3.84 -2.81
CA PRO B 125 -3.37 4.25 -3.80
C PRO B 125 -2.95 5.50 -4.55
N SER B 126 -2.22 6.38 -3.86
CA SER B 126 -1.72 7.61 -4.43
C SER B 126 -0.30 7.50 -4.97
N GLY B 127 0.33 6.34 -4.83
CA GLY B 127 1.75 6.26 -5.10
C GLY B 127 2.62 6.88 -4.02
N ALA B 128 2.09 7.12 -2.83
CA ALA B 128 2.85 7.74 -1.75
C ALA B 128 3.75 6.76 -1.02
N GLY B 129 3.60 5.46 -1.24
CA GLY B 129 4.40 4.57 -0.44
C GLY B 129 3.91 4.56 1.01
N MET B 130 4.83 4.19 1.90
CA MET B 130 4.59 4.02 3.31
C MET B 130 5.92 4.23 4.01
N PRO B 131 5.98 5.12 4.98
CA PRO B 131 7.22 5.25 5.78
C PRO B 131 7.47 4.02 6.62
N GLY B 132 8.71 3.92 7.10
CA GLY B 132 9.14 2.76 7.84
C GLY B 132 8.76 2.82 9.29
N GLY B 133 8.92 1.69 9.96
CA GLY B 133 8.53 1.55 11.34
C GLY B 133 7.42 0.55 11.54
N GLY B 134 6.88 0.01 10.45
CA GLY B 134 5.94 -1.10 10.56
C GLY B 134 6.66 -2.39 10.89
N SER B 135 6.00 -3.25 11.69
CA SER B 135 6.61 -4.49 12.16
C SER B 135 6.86 -5.44 11.01
N GLU B 136 8.12 -5.89 10.85
CA GLU B 136 8.55 -6.79 9.77
C GLU B 136 8.20 -6.25 8.39
N ILE B 137 7.80 -4.98 8.31
CA ILE B 137 7.52 -4.26 7.05
C ILE B 137 8.64 -3.24 6.85
N GLN B 138 9.28 -3.27 5.69
CA GLN B 138 10.21 -2.23 5.33
C GLN B 138 9.44 -1.00 4.81
N ALA B 139 10.14 0.12 4.71
CA ALA B 139 9.57 1.28 4.04
C ALA B 139 9.31 0.96 2.57
N TYR B 140 8.08 1.20 2.13
CA TYR B 140 7.75 1.06 0.72
C TYR B 140 7.96 2.39 0.02
N PRO B 141 8.87 2.49 -0.95
CA PRO B 141 9.15 3.78 -1.58
C PRO B 141 7.95 4.32 -2.35
N ARG B 142 7.82 5.65 -2.30
CA ARG B 142 6.88 6.33 -3.16
C ARG B 142 7.29 6.17 -4.63
N LEU B 143 6.28 6.00 -5.48
CA LEU B 143 6.46 5.89 -6.92
C LEU B 143 5.76 7.00 -7.68
N GLY B 144 4.70 7.55 -7.10
CA GLY B 144 3.80 8.46 -7.78
C GLY B 144 4.53 9.64 -8.38
N GLY B 145 4.39 9.81 -9.70
CA GLY B 145 4.98 10.93 -10.38
C GLY B 145 6.39 10.71 -10.91
N GLN B 146 7.00 9.57 -10.60
CA GLN B 146 8.36 9.31 -11.03
C GLN B 146 8.42 9.18 -12.55
N HIS B 147 9.57 9.57 -13.11
CA HIS B 147 9.79 9.47 -14.55
C HIS B 147 9.63 8.04 -15.02
N GLN B 148 8.79 7.84 -16.03
CA GLN B 148 8.49 6.47 -16.41
C GLN B 148 9.73 5.73 -16.88
N ALA B 149 10.66 6.44 -17.52
CA ALA B 149 11.86 5.77 -18.02
C ALA B 149 12.70 5.23 -16.86
N TYR B 150 12.79 5.99 -15.75
CA TYR B 150 13.43 5.48 -14.55
C TYR B 150 12.76 4.22 -14.03
N ILE B 151 11.41 4.24 -13.97
CA ILE B 151 10.65 3.08 -13.51
C ILE B 151 10.98 1.84 -14.33
N VAL B 152 10.97 1.96 -15.66
CA VAL B 152 11.28 0.81 -16.50
C VAL B 152 12.70 0.30 -16.22
N GLU B 153 13.65 1.23 -16.10
CA GLU B 153 15.02 0.85 -15.77
C GLU B 153 15.08 0.04 -14.49
N GLN B 154 14.51 0.57 -13.40
CA GLN B 154 14.58 -0.17 -12.13
C GLN B 154 13.85 -1.50 -12.22
N MET B 155 12.68 -1.52 -12.87
CA MET B 155 11.96 -2.78 -13.03
C MET B 155 12.84 -3.81 -13.76
N ASN B 156 13.52 -3.41 -14.83
CA ASN B 156 14.33 -4.36 -15.58
C ASN B 156 15.56 -4.78 -14.78
N ALA B 157 16.16 -3.88 -14.01
CA ALA B 157 17.25 -4.27 -13.14
C ALA B 157 16.79 -5.30 -12.10
N TYR B 158 15.59 -5.13 -11.52
CA TYR B 158 15.07 -6.16 -10.63
C TYR B 158 14.90 -7.49 -11.37
N LYS B 159 14.34 -7.41 -12.58
CA LYS B 159 14.11 -8.62 -13.36
C LYS B 159 15.42 -9.36 -13.59
N SER B 160 16.44 -8.66 -14.11
CA SER B 160 17.73 -9.26 -14.43
C SER B 160 18.55 -9.59 -13.19
N GLY B 161 18.13 -9.16 -12.00
CA GLY B 161 18.96 -9.30 -10.83
C GLY B 161 20.07 -8.27 -10.69
N GLN B 162 20.30 -7.43 -11.70
CA GLN B 162 21.31 -6.37 -11.55
C GLN B 162 21.02 -5.52 -10.32
N ARG B 163 19.75 -5.32 -9.96
CA ARG B 163 19.33 -4.74 -8.69
C ARG B 163 18.68 -5.81 -7.81
N LYS B 164 19.08 -5.87 -6.54
CA LYS B 164 18.67 -6.96 -5.64
C LYS B 164 17.55 -6.54 -4.71
N ASN B 165 16.52 -7.40 -4.64
CA ASN B 165 15.42 -7.34 -3.68
C ASN B 165 14.48 -8.51 -3.99
N THR B 166 14.33 -9.44 -3.05
CA THR B 166 13.59 -10.66 -3.36
C THR B 166 12.13 -10.34 -3.73
N ILE B 167 11.48 -9.46 -2.97
CA ILE B 167 10.09 -9.12 -3.27
C ILE B 167 9.97 -8.56 -4.70
N MET B 168 10.73 -7.51 -5.01
CA MET B 168 10.56 -6.88 -6.29
C MET B 168 11.16 -7.71 -7.42
N GLU B 169 12.20 -8.49 -7.16
CA GLU B 169 12.70 -9.39 -8.20
C GLU B 169 11.65 -10.42 -8.53
N ASP B 170 11.01 -10.97 -7.51
CA ASP B 170 9.94 -11.92 -7.73
C ASP B 170 8.78 -11.28 -8.50
N ILE B 171 8.40 -10.05 -8.13
CA ILE B 171 7.30 -9.39 -8.81
C ILE B 171 7.71 -9.01 -10.24
N ALA B 172 8.85 -8.33 -10.39
CA ALA B 172 9.26 -7.87 -11.72
C ALA B 172 9.38 -9.02 -12.71
N ASN B 173 9.85 -10.18 -12.25
CA ASN B 173 10.07 -11.30 -13.15
C ASN B 173 8.77 -11.86 -13.72
N ARG B 174 7.64 -11.55 -13.10
CA ARG B 174 6.35 -12.04 -13.56
C ARG B 174 5.72 -11.18 -14.63
N MET B 175 6.34 -10.08 -15.00
CA MET B 175 5.71 -9.09 -15.86
C MET B 175 6.38 -9.06 -17.22
N SER B 176 5.57 -8.85 -18.27
CA SER B 176 6.11 -8.65 -19.59
C SER B 176 6.74 -7.28 -19.70
N GLU B 177 7.53 -7.09 -20.77
CA GLU B 177 8.07 -5.76 -21.04
C GLU B 177 6.94 -4.77 -21.35
N GLU B 178 5.84 -5.28 -21.91
CA GLU B 178 4.70 -4.41 -22.18
C GLU B 178 3.98 -4.05 -20.89
N ASP B 179 3.92 -5.00 -19.94
CA ASP B 179 3.41 -4.68 -18.61
C ASP B 179 4.22 -3.55 -17.99
N LEU B 180 5.55 -3.66 -18.02
CA LEU B 180 6.39 -2.66 -17.37
C LEU B 180 6.17 -1.28 -17.98
N LYS B 181 6.13 -1.19 -19.31
CA LYS B 181 5.97 0.14 -19.91
C LYS B 181 4.62 0.73 -19.58
N ALA B 182 3.58 -0.10 -19.56
CA ALA B 182 2.25 0.38 -19.24
C ALA B 182 2.16 0.88 -17.81
N VAL B 183 2.64 0.08 -16.83
CA VAL B 183 2.46 0.51 -15.44
C VAL B 183 3.39 1.67 -15.15
N ALA B 184 4.52 1.76 -15.85
CA ALA B 184 5.41 2.91 -15.68
C ALA B 184 4.76 4.18 -16.20
N ASN B 185 4.05 4.08 -17.33
CA ASN B 185 3.34 5.24 -17.86
C ASN B 185 2.23 5.68 -16.92
N PHE B 186 1.50 4.72 -16.35
CA PHE B 186 0.48 5.05 -15.35
C PHE B 186 1.10 5.71 -14.12
N ILE B 187 2.21 5.17 -13.62
CA ILE B 187 2.83 5.73 -12.42
C ILE B 187 3.22 7.19 -12.62
N GLN B 188 3.75 7.53 -13.80
CA GLN B 188 4.19 8.90 -14.06
C GLN B 188 3.06 9.91 -13.86
N GLY B 189 1.83 9.52 -14.23
CA GLY B 189 0.65 10.33 -14.04
C GLY B 189 -0.08 10.20 -12.74
N LEU B 190 0.36 9.35 -11.81
CA LEU B 190 -0.35 9.19 -10.55
C LEU B 190 -0.15 10.40 -9.64
N ARG B 191 -1.25 11.00 -9.18
CA ARG B 191 -1.14 12.19 -8.30
C ARG B 191 -1.84 11.94 -6.96
FE HEC C . -12.85 5.12 8.78
CHA HEC C . -13.41 2.71 6.42
CHB HEC C . -9.57 3.94 9.01
CHC HEC C . -12.05 7.51 11.12
CHD HEC C . -16.04 6.22 8.73
NA HEC C . -11.69 3.59 7.86
C1A HEC C . -12.14 2.68 6.95
C2A HEC C . -11.07 1.72 6.68
C3A HEC C . -10.01 2.07 7.41
C4A HEC C . -10.39 3.25 8.16
CMA HEC C . -8.62 1.38 7.46
CAA HEC C . -11.12 0.50 5.72
CBA HEC C . -11.51 -0.72 6.52
CGA HEC C . -11.50 -1.95 5.65
O1A HEC C . -11.77 -3.05 6.22
O2A HEC C . -11.21 -1.86 4.44
NB HEC C . -11.18 5.63 9.80
C1B HEC C . -9.95 5.00 9.76
C2B HEC C . -9.04 5.68 10.61
C3B HEC C . -9.70 6.67 11.24
C4B HEC C . -11.05 6.66 10.71
CMB HEC C . -7.59 5.20 10.80
CAB HEC C . -9.14 7.65 12.30
CBB HEC C . -7.91 8.38 11.71
NC HEC C . -13.87 6.59 9.75
C1C HEC C . -13.35 7.47 10.69
C2C HEC C . -14.36 8.43 11.02
C3C HEC C . -15.50 8.00 10.47
C4C HEC C . -15.19 6.88 9.58
CMC HEC C . -14.16 9.45 12.17
CAC HEC C . -16.91 8.64 10.66
CBC HEC C . -17.05 9.98 9.93
ND HEC C . -14.45 4.56 7.75
C1D HEC C . -15.71 5.16 7.89
C2D HEC C . -16.62 4.49 6.96
C3D HEC C . -15.80 3.40 6.26
C4D HEC C . -14.46 3.52 6.81
CMD HEC C . -18.12 4.76 6.70
CAD HEC C . -16.29 2.39 5.17
CBD HEC C . -16.41 3.06 3.82
CGD HEC C . -17.01 2.06 2.86
O1D HEC C . -16.26 1.48 2.03
O2D HEC C . -18.24 1.84 2.94
FE HEC D . -10.61 -11.90 -0.06
CHA HEC D . -9.98 -8.54 0.49
CHB HEC D . -13.82 -11.46 1.09
CHC HEC D . -11.31 -15.20 -0.63
CHD HEC D . -7.41 -12.37 -1.30
NA HEC D . -11.69 -10.31 0.65
C1A HEC D . -11.26 -8.99 0.79
C2A HEC D . -12.37 -8.23 1.34
C3A HEC D . -13.40 -9.05 1.49
C4A HEC D . -13.00 -10.36 1.08
CMA HEC D . -14.81 -8.70 2.03
CAA HEC D . -12.38 -6.72 1.68
CBA HEC D . -11.98 -6.64 3.14
CGA HEC D . -12.20 -5.27 3.70
O1A HEC D . -11.76 -5.08 4.87
O2A HEC D . -12.76 -4.38 3.02
NB HEC D . -12.25 -13.09 0.18
C1B HEC D . -13.47 -12.72 0.68
C2B HEC D . -14.36 -13.86 0.68
C3B HEC D . -13.65 -14.90 0.21
C4B HEC D . -12.34 -14.43 -0.12
CMB HEC D . -15.80 -13.84 1.20
CAB HEC D . -14.14 -16.38 0.03
CBB HEC D . -15.30 -16.45 -0.97
NC HEC D . -9.57 -13.48 -0.81
C1C HEC D . -10.04 -14.76 -0.92
C2C HEC D . -9.02 -15.59 -1.56
C3C HEC D . -7.90 -14.84 -1.64
C4C HEC D . -8.24 -13.48 -1.25
CMC HEC D . -9.12 -17.11 -1.70
CAC HEC D . -6.50 -15.31 -2.14
CBC HEC D . -6.44 -15.78 -3.60
ND HEC D . -8.94 -10.66 -0.31
C1D HEC D . -7.77 -11.07 -0.93
C2D HEC D . -6.93 -9.92 -1.14
C3D HEC D . -7.72 -8.73 -0.57
C4D HEC D . -8.97 -9.28 -0.09
CMD HEC D . -5.53 -9.88 -1.79
CAD HEC D . -7.28 -7.27 -0.54
CBD HEC D . -7.61 -6.68 -1.91
CGD HEC D . -7.88 -5.21 -1.66
O1D HEC D . -8.89 -4.68 -2.20
O2D HEC D . -7.10 -4.59 -0.87
S SO4 E . -15.52 -12.12 21.34
O1 SO4 E . -15.98 -13.32 22.04
O2 SO4 E . -14.82 -12.54 20.12
O3 SO4 E . -16.66 -11.25 21.05
O4 SO4 E . -14.58 -11.36 22.16
FE HEC F . 21.40 10.85 -6.83
CHA HEC F . 19.78 8.02 -7.75
CHB HEC F . 20.07 10.60 -3.70
CHC HEC F . 23.10 13.74 -5.86
CHD HEC F . 22.58 11.34 -10.04
NA HEC F . 20.16 9.54 -5.89
C1A HEC F . 19.58 8.45 -6.47
C2A HEC F . 18.71 7.81 -5.51
C3A HEC F . 18.78 8.52 -4.39
C4A HEC F . 19.70 9.62 -4.59
CMA HEC F . 18.01 8.21 -3.08
CAA HEC F . 17.84 6.55 -5.78
CBA HEC F . 16.42 7.03 -6.00
CGA HEC F . 15.39 5.92 -5.98
O1A HEC F . 14.19 6.26 -6.17
O2A HEC F . 15.72 4.73 -5.80
NB HEC F . 21.54 11.95 -5.16
C1B HEC F . 20.93 11.64 -3.96
C2B HEC F . 21.40 12.58 -2.96
C3B HEC F . 22.22 13.45 -3.56
C4B HEC F . 22.35 13.06 -4.93
CMB HEC F . 20.88 12.56 -1.50
CAB HEC F . 22.95 14.66 -2.95
CBB HEC F . 23.77 14.23 -1.72
NC HEC F . 22.61 12.30 -7.78
C1C HEC F . 23.21 13.40 -7.18
C2C HEC F . 24.10 14.01 -8.14
C3C HEC F . 23.83 13.45 -9.34
C4C HEC F . 22.97 12.30 -9.11
CMC HEC F . 24.74 15.38 -7.88
CAC HEC F . 24.44 13.90 -10.70
CBC HEC F . 25.97 13.80 -10.71
ND HEC F . 21.23 9.85 -8.60
C1D HEC F . 21.80 10.21 -9.81
C2D HEC F . 21.47 9.19 -10.80
C3D HEC F . 20.60 8.17 -10.06
C4D HEC F . 20.50 8.67 -8.72
CMD HEC F . 21.88 9.09 -12.28
CAD HEC F . 19.95 6.87 -10.60
CBD HEC F . 20.91 5.69 -10.64
CGD HEC F . 20.22 4.59 -11.40
O1D HEC F . 19.66 3.64 -10.77
O2D HEC F . 20.21 4.66 -12.65
FE HEC G . 7.53 -2.35 -5.54
CHA HEC G . 10.54 -0.88 -4.86
CHB HEC G . 7.63 -1.03 -8.71
CHC HEC G . 4.57 -3.81 -6.21
CHD HEC G . 7.35 -3.55 -2.27
NA HEC G . 8.82 -1.19 -6.59
C1A HEC G . 10.01 -0.70 -6.11
C2A HEC G . 10.63 0.09 -7.15
C3A HEC G . 9.83 0.06 -8.21
C4A HEC G . 8.67 -0.75 -7.87
CMA HEC G . 10.07 0.76 -9.58
CAA HEC G . 11.97 0.83 -7.02
CBA HEC G . 11.58 2.25 -6.69
CGA HEC G . 12.71 3.25 -6.84
O1A HEC G . 13.81 2.89 -7.34
O2A HEC G . 12.48 4.42 -6.46
NB HEC G . 6.36 -2.42 -7.13
C1B HEC G . 6.56 -1.82 -8.36
C2B HEC G . 5.46 -2.18 -9.24
C3B HEC G . 4.61 -2.94 -8.55
C4B HEC G . 5.17 -3.10 -7.22
CMB HEC G . 5.33 -1.69 -10.70
CAB HEC G . 3.27 -3.56 -9.02
CBB HEC G . 3.39 -4.50 -10.24
NC HEC G . 6.23 -3.46 -4.43
C1C HEC G . 5.05 -3.98 -4.93
C2C HEC G . 4.46 -4.84 -3.93
C3C HEC G . 5.14 -4.65 -2.79
C4C HEC G . 6.32 -3.86 -3.11
CMC HEC G . 3.05 -5.42 -4.10
CAC HEC G . 4.81 -5.27 -1.40
CBC HEC G . 4.82 -6.81 -1.36
ND HEC G . 8.71 -2.21 -3.83
C1D HEC G . 8.49 -2.87 -2.63
C2D HEC G . 9.66 -2.69 -1.79
C3D HEC G . 10.62 -1.85 -2.58
C4D HEC G . 9.97 -1.61 -3.84
CMD HEC G . 9.92 -3.20 -0.34
CAD HEC G . 12.03 -1.42 -2.14
CBD HEC G . 12.92 -2.55 -2.67
CGD HEC G . 14.36 -2.14 -2.62
O1D HEC G . 15.07 -2.29 -3.65
O2D HEC G . 14.77 -1.66 -1.52
S SO4 H . -5.56 -11.11 -15.88
O1 SO4 H . -5.83 -12.40 -15.23
O2 SO4 H . -4.16 -11.07 -16.31
O3 SO4 H . -6.44 -10.92 -17.03
O4 SO4 H . -5.84 -10.10 -14.88
S SO4 I . 16.45 -8.77 0.09
O1 SO4 I . 16.13 -9.44 1.35
O2 SO4 I . 17.37 -9.58 -0.71
O3 SO4 I . 15.20 -8.58 -0.65
O4 SO4 I . 17.05 -7.46 0.32
#